data_9INW
#
_entry.id   9INW
#
_cell.length_a   46.649
_cell.length_b   62.233
_cell.length_c   88.549
_cell.angle_alpha   90.00
_cell.angle_beta   90.00
_cell.angle_gamma   90.00
#
_symmetry.space_group_name_H-M   'P 21 21 21'
#
loop_
_entity.id
_entity.type
_entity.pdbx_description
1 polymer 'Death-associated protein kinase 1'
2 non-polymer (~{E})-1-[2,4-bis(oxidanyl)phenyl]-3-(3-chloranyl-4-oxidanyl-phenyl)prop-2-en-1-one
3 non-polymer 'SULFATE ION'
4 water water
#
_entity_poly.entity_id   1
_entity_poly.type   'polypeptide(L)'
_entity_poly.pdbx_seq_one_letter_code
;MTVFRQENVDDYYDTGEELGSGQFAVVKKCREKSTGLQYAAKFIKKRRTKSSRRGVSREDIEREVSILKEIQHPNVITLH
EVYENKTDVILILELVAGGELFDFLAEKESLTEEEATEFLKQILNGVYYLHSLQIAHFDLKPENIMLLDRNVPKPRIKII
DFGLAHKIDFGNEFKNIFGTPEFVAPEIVNYEPLGLEADMWSIGVITYILLSGASPFLGDTKQETLANVSAVNYEFEDEY
FSNTSALAKDFIRRLLVKDPKKRMTIQDSLQHPWIKPKDTQQALSLEHHHHHH
;
_entity_poly.pdbx_strand_id   A
#
# COMPACT_ATOMS: atom_id res chain seq x y z
N THR A 2 -16.88 -11.47 14.61
CA THR A 2 -17.71 -10.30 14.36
C THR A 2 -18.50 -10.45 13.06
N VAL A 3 -19.81 -10.24 13.13
CA VAL A 3 -20.67 -10.47 11.97
C VAL A 3 -20.98 -9.16 11.28
N PHE A 4 -21.23 -9.25 9.97
CA PHE A 4 -21.47 -8.10 9.12
C PHE A 4 -22.90 -8.15 8.59
N ARG A 5 -23.29 -7.12 7.82
CA ARG A 5 -24.67 -7.03 7.34
C ARG A 5 -24.95 -8.14 6.33
N GLN A 6 -26.02 -8.90 6.58
CA GLN A 6 -26.30 -10.06 5.73
C GLN A 6 -27.47 -9.86 4.77
N GLU A 7 -27.99 -8.65 4.66
CA GLU A 7 -28.86 -8.35 3.54
C GLU A 7 -28.08 -8.36 2.23
N ASN A 8 -28.80 -8.60 1.14
CA ASN A 8 -28.16 -8.67 -0.17
C ASN A 8 -27.67 -7.28 -0.55
N VAL A 9 -26.38 -7.17 -0.87
CA VAL A 9 -25.80 -5.88 -1.18
C VAL A 9 -26.48 -5.26 -2.40
N ASP A 10 -26.93 -6.10 -3.34
CA ASP A 10 -27.61 -5.63 -4.54
C ASP A 10 -28.95 -4.97 -4.25
N ASP A 11 -29.51 -5.16 -3.07
CA ASP A 11 -30.72 -4.44 -2.70
C ASP A 11 -30.43 -3.01 -2.30
N TYR A 12 -29.17 -2.69 -2.00
CA TYR A 12 -28.79 -1.37 -1.53
C TYR A 12 -27.82 -0.64 -2.43
N TYR A 13 -27.14 -1.35 -3.33
CA TYR A 13 -26.14 -0.75 -4.21
C TYR A 13 -26.30 -1.30 -5.62
N ASP A 14 -25.98 -0.47 -6.60
CA ASP A 14 -25.80 -0.91 -7.97
C ASP A 14 -24.31 -0.84 -8.30
N THR A 15 -23.79 -1.82 -9.00
CA THR A 15 -22.38 -1.85 -9.33
C THR A 15 -22.15 -1.44 -10.78
N GLY A 16 -20.94 -0.99 -11.04
CA GLY A 16 -20.58 -0.55 -12.38
C GLY A 16 -19.21 -1.05 -12.82
N GLU A 17 -18.38 -0.12 -13.28
CA GLU A 17 -17.06 -0.43 -13.78
C GLU A 17 -16.25 -1.19 -12.74
N GLU A 18 -15.52 -2.20 -13.19
CA GLU A 18 -14.58 -2.88 -12.32
C GLU A 18 -13.32 -2.03 -12.17
N LEU A 19 -12.85 -1.88 -10.94
CA LEU A 19 -11.69 -1.06 -10.63
C LEU A 19 -10.41 -1.86 -10.45
N GLY A 20 -10.51 -3.15 -10.15
CA GLY A 20 -9.31 -3.95 -9.92
C GLY A 20 -9.70 -5.37 -9.54
N SER A 21 -8.70 -6.25 -9.61
CA SER A 21 -8.96 -7.67 -9.56
C SER A 21 -7.70 -8.38 -9.09
N GLY A 22 -7.83 -9.21 -8.07
CA GLY A 22 -6.70 -9.96 -7.55
C GLY A 22 -6.99 -11.44 -7.42
N GLN A 23 -6.15 -12.16 -6.67
CA GLN A 23 -6.35 -13.60 -6.53
C GLN A 23 -7.61 -13.91 -5.72
N PHE A 24 -7.89 -13.12 -4.68
CA PHE A 24 -9.01 -13.42 -3.80
C PHE A 24 -10.00 -12.27 -3.64
N ALA A 25 -9.88 -11.21 -4.43
CA ALA A 25 -10.78 -10.08 -4.31
C ALA A 25 -11.00 -9.46 -5.68
N VAL A 26 -12.16 -8.81 -5.83
CA VAL A 26 -12.45 -7.97 -6.98
C VAL A 26 -13.10 -6.70 -6.46
N VAL A 27 -12.76 -5.55 -7.06
CA VAL A 27 -13.25 -4.26 -6.62
C VAL A 27 -14.08 -3.66 -7.75
N LYS A 28 -15.32 -3.28 -7.43
CA LYS A 28 -16.26 -2.73 -8.40
C LYS A 28 -16.69 -1.35 -7.94
N LYS A 29 -16.76 -0.39 -8.87
CA LYS A 29 -17.43 0.86 -8.56
C LYS A 29 -18.90 0.57 -8.25
N CYS A 30 -19.46 1.32 -7.31
CA CYS A 30 -20.85 1.10 -6.95
C CYS A 30 -21.49 2.41 -6.53
N ARG A 31 -22.82 2.40 -6.47
CA ARG A 31 -23.60 3.57 -6.11
C ARG A 31 -24.67 3.15 -5.11
N GLU A 32 -24.71 3.83 -3.97
CA GLU A 32 -25.71 3.53 -2.95
C GLU A 32 -27.06 4.06 -3.40
N LYS A 33 -28.07 3.18 -3.40
CA LYS A 33 -29.39 3.56 -3.93
C LYS A 33 -30.03 4.69 -3.12
N SER A 34 -29.87 4.66 -1.79
CA SER A 34 -30.58 5.61 -0.93
C SER A 34 -30.01 7.02 -0.97
N THR A 35 -28.75 7.19 -1.39
CA THR A 35 -28.09 8.49 -1.33
C THR A 35 -27.52 8.96 -2.66
N GLY A 36 -27.37 8.08 -3.65
CA GLY A 36 -26.67 8.40 -4.87
C GLY A 36 -25.17 8.50 -4.75
N LEU A 37 -24.62 8.31 -3.55
CA LEU A 37 -23.18 8.45 -3.36
C LEU A 37 -22.47 7.21 -3.88
N GLN A 38 -21.24 7.43 -4.34
CA GLN A 38 -20.49 6.39 -5.04
C GLN A 38 -19.32 5.93 -4.19
N TYR A 39 -19.01 4.64 -4.32
CA TYR A 39 -18.05 3.95 -3.47
C TYR A 39 -17.34 2.90 -4.33
N ALA A 40 -16.37 2.23 -3.73
CA ALA A 40 -15.72 1.05 -4.31
C ALA A 40 -16.10 -0.14 -3.43
N ALA A 41 -16.67 -1.17 -4.03
CA ALA A 41 -17.07 -2.37 -3.31
C ALA A 41 -16.01 -3.44 -3.53
N LYS A 42 -15.35 -3.86 -2.46
CA LYS A 42 -14.32 -4.88 -2.52
C LYS A 42 -14.94 -6.19 -2.08
N PHE A 43 -15.07 -7.14 -3.01
CA PHE A 43 -15.63 -8.45 -2.74
C PHE A 43 -14.49 -9.39 -2.42
N ILE A 44 -14.42 -9.88 -1.20
CA ILE A 44 -13.37 -10.78 -0.75
C ILE A 44 -13.95 -12.19 -0.66
N LYS A 45 -13.33 -13.13 -1.38
CA LYS A 45 -13.76 -14.53 -1.35
C LYS A 45 -13.43 -15.17 -0.01
N LYS A 46 -14.45 -15.72 0.65
CA LYS A 46 -14.26 -16.41 1.92
C LYS A 46 -13.66 -17.80 1.71
N ARG A 47 -12.92 -18.25 2.71
CA ARG A 47 -12.47 -19.63 2.78
C ARG A 47 -13.68 -20.54 3.03
N ARG A 48 -13.74 -21.65 2.29
CA ARG A 48 -14.89 -22.55 2.38
C ARG A 48 -14.68 -23.72 3.34
N THR A 49 -13.43 -24.00 3.73
CA THR A 49 -13.14 -25.01 4.75
C THR A 49 -11.97 -24.51 5.59
N LYS A 50 -11.80 -25.13 6.78
CA LYS A 50 -10.73 -24.73 7.68
C LYS A 50 -9.36 -24.89 7.01
N SER A 51 -9.12 -26.04 6.41
CA SER A 51 -7.81 -26.42 5.92
C SER A 51 -7.55 -25.99 4.48
N SER A 52 -8.33 -25.05 3.96
CA SER A 52 -8.18 -24.68 2.57
C SER A 52 -7.13 -23.58 2.39
N ARG A 53 -6.60 -23.49 1.17
CA ARG A 53 -5.70 -22.42 0.78
C ARG A 53 -6.36 -21.43 -0.15
N ARG A 54 -7.58 -21.69 -0.61
CA ARG A 54 -8.31 -20.74 -1.43
C ARG A 54 -9.14 -19.84 -0.52
N GLY A 55 -9.37 -18.61 -0.98
CA GLY A 55 -10.11 -17.66 -0.19
C GLY A 55 -9.28 -17.10 0.97
N VAL A 56 -9.90 -16.16 1.68
CA VAL A 56 -9.25 -15.46 2.79
C VAL A 56 -9.87 -15.94 4.10
N SER A 57 -9.03 -16.26 5.07
CA SER A 57 -9.52 -16.70 6.38
C SER A 57 -10.34 -15.60 7.03
N ARG A 58 -11.32 -15.99 7.84
CA ARG A 58 -12.12 -14.97 8.50
C ARG A 58 -11.28 -14.13 9.44
N GLU A 59 -10.27 -14.73 10.08
CA GLU A 59 -9.37 -13.95 10.93
C GLU A 59 -8.70 -12.84 10.15
N ASP A 60 -8.24 -13.14 8.93
CA ASP A 60 -7.61 -12.11 8.10
C ASP A 60 -8.60 -11.04 7.67
N ILE A 61 -9.83 -11.42 7.31
CA ILE A 61 -10.84 -10.44 6.90
C ILE A 61 -11.18 -9.54 8.08
N GLU A 62 -11.40 -10.14 9.25
CA GLU A 62 -11.76 -9.34 10.42
C GLU A 62 -10.66 -8.38 10.82
N ARG A 63 -9.39 -8.78 10.66
CA ARG A 63 -8.28 -7.88 10.96
C ARG A 63 -8.30 -6.67 10.04
N GLU A 64 -8.48 -6.91 8.73
CA GLU A 64 -8.55 -5.80 7.78
C GLU A 64 -9.70 -4.85 8.10
N VAL A 65 -10.88 -5.41 8.37
CA VAL A 65 -12.02 -4.56 8.72
C VAL A 65 -11.75 -3.77 9.99
N SER A 66 -11.13 -4.40 10.99
CA SER A 66 -10.87 -3.71 12.26
C SER A 66 -9.93 -2.54 12.06
N ILE A 67 -8.93 -2.69 11.20
CA ILE A 67 -8.01 -1.60 10.92
C ILE A 67 -8.72 -0.49 10.16
N LEU A 68 -9.49 -0.87 9.12
CA LEU A 68 -10.19 0.14 8.34
C LEU A 68 -11.15 0.94 9.20
N LYS A 69 -11.79 0.29 10.17
CA LYS A 69 -12.71 1.01 11.04
C LYS A 69 -12.03 2.06 11.90
N GLU A 70 -10.73 1.90 12.17
CA GLU A 70 -10.03 2.83 13.07
C GLU A 70 -9.57 4.10 12.35
N ILE A 71 -9.36 4.03 11.04
CA ILE A 71 -8.58 5.06 10.34
C ILE A 71 -9.48 6.12 9.69
N GLN A 72 -9.06 7.37 9.80
CA GLN A 72 -9.71 8.47 9.08
C GLN A 72 -8.66 9.56 8.88
N HIS A 73 -8.19 9.71 7.64
CA HIS A 73 -7.10 10.63 7.32
C HIS A 73 -7.19 10.91 5.83
N PRO A 74 -6.87 12.13 5.38
CA PRO A 74 -7.00 12.45 3.95
C PRO A 74 -6.24 11.51 3.03
N ASN A 75 -5.18 10.87 3.50
CA ASN A 75 -4.34 10.07 2.62
C ASN A 75 -4.58 8.56 2.76
N VAL A 76 -5.66 8.16 3.42
CA VAL A 76 -6.06 6.76 3.51
C VAL A 76 -7.54 6.66 3.17
N ILE A 77 -7.96 5.49 2.64
CA ILE A 77 -9.40 5.32 2.34
C ILE A 77 -10.23 5.24 3.62
N THR A 78 -11.50 5.66 3.49
CA THR A 78 -12.48 5.58 4.57
C THR A 78 -13.43 4.41 4.28
N LEU A 79 -13.62 3.54 5.27
CA LEU A 79 -14.58 2.44 5.15
C LEU A 79 -15.98 2.95 5.42
N HIS A 80 -16.93 2.57 4.57
CA HIS A 80 -18.31 3.00 4.71
C HIS A 80 -19.21 1.95 5.36
N GLU A 81 -19.17 0.71 4.89
CA GLU A 81 -20.08 -0.34 5.34
C GLU A 81 -19.43 -1.69 5.03
N VAL A 82 -19.88 -2.74 5.72
CA VAL A 82 -19.45 -4.10 5.42
C VAL A 82 -20.66 -5.02 5.35
N TYR A 83 -20.78 -5.76 4.25
CA TYR A 83 -21.78 -6.80 4.06
C TYR A 83 -21.11 -8.16 3.98
N GLU A 84 -21.90 -9.22 4.12
CA GLU A 84 -21.36 -10.55 3.88
C GLU A 84 -22.47 -11.50 3.47
N ASN A 85 -22.08 -12.55 2.77
CA ASN A 85 -22.95 -13.68 2.47
C ASN A 85 -22.10 -14.93 2.56
N LYS A 86 -22.65 -16.07 2.11
CA LYS A 86 -21.94 -17.33 2.28
C LYS A 86 -20.61 -17.35 1.54
N THR A 87 -20.51 -16.61 0.45
CA THR A 87 -19.35 -16.66 -0.44
C THR A 87 -18.35 -15.53 -0.21
N ASP A 88 -18.81 -14.35 0.19
CA ASP A 88 -17.96 -13.16 0.16
C ASP A 88 -18.20 -12.30 1.39
N VAL A 89 -17.16 -11.54 1.77
CA VAL A 89 -17.32 -10.32 2.55
C VAL A 89 -17.17 -9.16 1.58
N ILE A 90 -18.06 -8.18 1.68
CA ILE A 90 -18.09 -7.07 0.74
C ILE A 90 -17.84 -5.79 1.51
N LEU A 91 -16.68 -5.17 1.29
CA LEU A 91 -16.36 -3.91 1.95
C LEU A 91 -16.78 -2.78 1.02
N ILE A 92 -17.58 -1.86 1.53
CA ILE A 92 -17.95 -0.66 0.79
C ILE A 92 -16.98 0.43 1.22
N LEU A 93 -16.07 0.81 0.31
CA LEU A 93 -14.95 1.67 0.62
C LEU A 93 -15.05 2.99 -0.14
N GLU A 94 -14.32 3.99 0.36
CA GLU A 94 -14.22 5.26 -0.36
C GLU A 94 -13.74 5.04 -1.79
N LEU A 95 -14.40 5.70 -2.75
CA LEU A 95 -14.05 5.62 -4.15
C LEU A 95 -12.92 6.60 -4.48
N VAL A 96 -11.83 6.07 -5.01
CA VAL A 96 -10.69 6.86 -5.47
C VAL A 96 -10.56 6.50 -6.94
N ALA A 97 -10.84 7.47 -7.82
CA ALA A 97 -11.12 7.15 -9.22
C ALA A 97 -10.09 7.72 -10.20
N GLY A 98 -9.01 8.33 -9.73
CA GLY A 98 -7.99 8.89 -10.60
C GLY A 98 -6.91 7.95 -11.08
N GLY A 99 -6.99 6.66 -10.75
CA GLY A 99 -6.04 5.69 -11.23
C GLY A 99 -4.85 5.49 -10.31
N GLU A 100 -4.07 4.47 -10.64
CA GLU A 100 -2.93 4.08 -9.81
C GLU A 100 -1.80 5.10 -9.97
N LEU A 101 -0.99 5.19 -8.91
CA LEU A 101 0.33 5.79 -9.07
C LEU A 101 1.14 4.98 -10.07
N PHE A 102 0.82 3.68 -10.20
CA PHE A 102 1.52 2.81 -11.15
C PHE A 102 1.20 3.16 -12.60
N ASP A 103 -0.03 3.60 -12.88
CA ASP A 103 -0.42 3.96 -14.24
C ASP A 103 -0.04 5.38 -14.61
N PHE A 104 -0.18 6.32 -13.67
CA PHE A 104 0.12 7.73 -13.95
C PHE A 104 1.61 7.93 -14.23
N LEU A 105 2.48 7.13 -13.63
CA LEU A 105 3.91 7.27 -13.87
C LEU A 105 4.27 6.80 -15.28
N ALA A 106 3.61 5.74 -15.76
CA ALA A 106 3.88 5.23 -17.10
C ALA A 106 3.59 6.26 -18.19
N GLU A 107 2.76 7.27 -17.88
CA GLU A 107 2.53 8.35 -18.82
C GLU A 107 3.76 9.25 -18.94
N LYS A 108 4.54 9.36 -17.88
CA LYS A 108 5.70 10.25 -17.87
C LYS A 108 6.95 9.50 -17.42
N SER A 110 9.77 9.26 -15.91
CA SER A 110 10.15 9.58 -14.55
C SER A 110 9.55 10.91 -14.13
N LEU A 111 9.47 11.13 -12.82
CA LEU A 111 8.99 12.40 -12.28
C LEU A 111 10.19 13.28 -11.92
N THR A 112 10.00 14.59 -12.03
CA THR A 112 10.95 15.52 -11.45
C THR A 112 10.97 15.32 -9.93
N GLU A 113 11.98 15.89 -9.27
CA GLU A 113 12.04 15.78 -7.81
C GLU A 113 10.87 16.49 -7.16
N GLU A 114 10.43 17.62 -7.73
CA GLU A 114 9.27 18.30 -7.17
C GLU A 114 8.01 17.45 -7.28
N GLU A 115 7.77 16.87 -8.46
CA GLU A 115 6.61 15.99 -8.62
C GLU A 115 6.71 14.79 -7.69
N ALA A 116 7.90 14.19 -7.60
CA ALA A 116 8.08 13.03 -6.74
C ALA A 116 7.82 13.38 -5.29
N THR A 117 8.40 14.51 -4.81
CA THR A 117 8.22 14.87 -3.41
C THR A 117 6.78 15.28 -3.11
N GLU A 118 6.06 15.83 -4.09
CA GLU A 118 4.66 16.15 -3.86
C GLU A 118 3.83 14.90 -3.58
N PHE A 119 4.05 13.85 -4.38
CA PHE A 119 3.43 12.56 -4.09
C PHE A 119 3.98 11.99 -2.80
N LEU A 120 5.31 11.94 -2.69
CA LEU A 120 5.94 11.28 -1.56
C LEU A 120 5.52 11.91 -0.24
N LYS A 121 5.41 13.24 -0.18
CA LYS A 121 5.00 13.87 1.07
C LYS A 121 3.62 13.39 1.51
N GLN A 122 2.71 13.18 0.55
CA GLN A 122 1.38 12.67 0.90
C GLN A 122 1.47 11.23 1.40
N ILE A 123 2.28 10.39 0.76
CA ILE A 123 2.49 9.03 1.26
C ILE A 123 3.05 9.08 2.67
N LEU A 124 4.07 9.92 2.89
CA LEU A 124 4.66 10.01 4.23
C LEU A 124 3.65 10.47 5.26
N ASN A 125 2.79 11.42 4.89
CA ASN A 125 1.75 11.88 5.83
C ASN A 125 0.79 10.75 6.18
N GLY A 126 0.36 9.97 5.19
CA GLY A 126 -0.53 8.85 5.47
C GLY A 126 0.14 7.79 6.32
N VAL A 127 1.42 7.49 6.02
CA VAL A 127 2.13 6.49 6.82
C VAL A 127 2.44 7.02 8.21
N TYR A 128 2.73 8.32 8.35
CA TYR A 128 2.91 8.90 9.67
C TYR A 128 1.66 8.70 10.53
N TYR A 129 0.49 8.93 9.94
CA TYR A 129 -0.77 8.67 10.64
C TYR A 129 -0.90 7.20 11.05
N LEU A 130 -0.67 6.29 10.11
CA LEU A 130 -0.79 4.86 10.41
C LEU A 130 0.20 4.44 11.49
N HIS A 131 1.48 4.81 11.32
CA HIS A 131 2.49 4.42 12.29
C HIS A 131 2.23 5.03 13.66
N SER A 132 1.66 6.24 13.70
CA SER A 132 1.28 6.83 14.97
C SER A 132 0.26 5.98 15.70
N LEU A 133 -0.60 5.28 14.96
CA LEU A 133 -1.56 4.34 15.52
C LEU A 133 -0.98 2.94 15.67
N GLN A 134 0.33 2.75 15.45
CA GLN A 134 0.97 1.44 15.52
C GLN A 134 0.39 0.47 14.49
N ILE A 135 -0.01 0.97 13.32
CA ILE A 135 -0.48 0.14 12.21
C ILE A 135 0.64 0.07 11.17
N ALA A 136 1.15 -1.13 10.92
CA ALA A 136 2.03 -1.39 9.80
C ALA A 136 1.17 -1.77 8.59
N HIS A 137 1.46 -1.16 7.45
CA HIS A 137 0.69 -1.43 6.24
C HIS A 137 1.09 -2.75 5.60
N PHE A 138 2.41 -2.99 5.46
CA PHE A 138 2.99 -4.26 4.99
C PHE A 138 2.77 -4.52 3.50
N ASP A 139 2.20 -3.57 2.76
CA ASP A 139 1.97 -3.79 1.34
C ASP A 139 2.08 -2.48 0.55
N LEU A 140 2.97 -1.58 0.96
CA LEU A 140 3.12 -0.33 0.24
C LEU A 140 3.83 -0.57 -1.09
N LYS A 141 3.18 -0.13 -2.16
CA LYS A 141 3.69 -0.26 -3.53
C LYS A 141 2.79 0.60 -4.42
N PRO A 142 3.26 0.94 -5.62
CA PRO A 142 2.45 1.84 -6.47
C PRO A 142 1.04 1.35 -6.73
N GLU A 143 0.81 0.05 -6.85
CA GLU A 143 -0.54 -0.48 -7.09
C GLU A 143 -1.52 -0.07 -5.98
N ASN A 144 -1.02 0.14 -4.77
CA ASN A 144 -1.87 0.48 -3.63
C ASN A 144 -1.92 1.98 -3.34
N ILE A 145 -1.37 2.81 -4.22
CA ILE A 145 -1.42 4.26 -4.09
C ILE A 145 -2.20 4.78 -5.28
N MET A 146 -3.34 5.40 -5.03
CA MET A 146 -4.17 5.87 -6.13
C MET A 146 -4.52 7.33 -5.96
N LEU A 147 -4.87 7.96 -7.08
CA LEU A 147 -5.06 9.39 -7.16
C LEU A 147 -6.56 9.69 -7.13
N LEU A 148 -6.90 10.83 -6.51
CA LEU A 148 -8.28 11.27 -6.52
C LEU A 148 -8.66 11.86 -7.88
N ASP A 149 -7.78 12.67 -8.47
CA ASP A 149 -8.01 13.27 -9.78
C ASP A 149 -6.66 13.38 -10.46
N ARG A 150 -6.50 12.69 -11.59
CA ARG A 150 -5.21 12.65 -12.27
C ARG A 150 -4.99 13.81 -13.23
N ASN A 151 -6.00 14.65 -13.46
CA ASN A 151 -5.92 15.75 -14.41
C ASN A 151 -5.64 17.10 -13.73
N VAL A 152 -4.92 17.08 -12.62
CA VAL A 152 -4.51 18.31 -11.94
C VAL A 152 -2.99 18.30 -11.86
N PRO A 153 -2.36 19.46 -11.68
CA PRO A 153 -0.87 19.49 -11.65
C PRO A 153 -0.27 18.72 -10.49
N LYS A 154 -0.87 18.79 -9.30
CA LYS A 154 -0.39 18.08 -8.12
C LYS A 154 -1.52 17.17 -7.63
N PRO A 155 -1.64 15.96 -8.15
CA PRO A 155 -2.73 15.08 -7.74
C PRO A 155 -2.65 14.68 -6.27
N ARG A 156 -3.82 14.57 -5.64
CA ARG A 156 -3.92 14.05 -4.28
C ARG A 156 -4.03 12.54 -4.31
N ILE A 157 -3.44 11.88 -3.30
CA ILE A 157 -3.40 10.43 -3.31
C ILE A 157 -3.96 9.85 -2.01
N LYS A 158 -4.36 8.58 -2.11
CA LYS A 158 -4.79 7.80 -0.97
C LYS A 158 -4.20 6.41 -1.07
N ILE A 159 -3.82 5.88 0.09
CA ILE A 159 -3.50 4.46 0.24
C ILE A 159 -4.82 3.70 0.26
N ILE A 160 -5.02 2.77 -0.68
CA ILE A 160 -6.37 2.29 -1.01
C ILE A 160 -6.64 0.84 -0.61
N ASP A 161 -5.70 0.13 0.02
CA ASP A 161 -5.95 -1.24 0.42
C ASP A 161 -5.21 -1.52 1.72
N PHE A 162 -5.77 -2.42 2.54
CA PHE A 162 -5.26 -2.72 3.88
C PHE A 162 -5.30 -4.22 4.17
N GLY A 163 -5.19 -5.04 3.12
CA GLY A 163 -5.32 -6.48 3.25
C GLY A 163 -4.19 -7.18 3.97
N LEU A 164 -3.03 -6.54 4.10
CA LEU A 164 -1.93 -7.12 4.87
C LEU A 164 -1.61 -6.34 6.15
N ALA A 165 -2.35 -5.28 6.42
CA ALA A 165 -2.01 -4.38 7.53
C ALA A 165 -2.21 -5.08 8.87
N HIS A 166 -1.35 -4.76 9.83
CA HIS A 166 -1.42 -5.35 11.17
C HIS A 166 -1.16 -4.28 12.22
N LYS A 167 -1.86 -4.41 13.35
CA LYS A 167 -1.52 -3.65 14.54
C LYS A 167 -0.22 -4.20 15.13
N ILE A 168 0.69 -3.30 15.50
CA ILE A 168 1.97 -3.69 16.06
C ILE A 168 2.01 -3.18 17.48
N ASP A 169 1.36 -3.87 18.41
CA ASP A 169 1.30 -3.42 19.80
C ASP A 169 2.46 -3.89 20.64
N PHE A 170 3.30 -4.80 20.13
CA PHE A 170 4.50 -5.26 20.82
C PHE A 170 5.77 -4.88 20.08
N GLY A 171 5.74 -3.87 19.21
CA GLY A 171 6.91 -3.50 18.45
C GLY A 171 7.23 -4.39 17.26
N ASN A 172 6.77 -5.63 17.26
CA ASN A 172 6.93 -6.49 16.09
C ASN A 172 5.84 -7.56 16.09
N GLU A 173 5.57 -8.10 14.89
CA GLU A 173 4.68 -9.24 14.71
C GLU A 173 5.43 -10.34 13.98
N PHE A 174 5.18 -11.59 14.34
CA PHE A 174 5.90 -12.72 13.75
C PHE A 174 4.90 -13.50 12.91
N LYS A 175 4.74 -13.06 11.66
CA LYS A 175 3.85 -13.70 10.70
C LYS A 175 4.48 -13.56 9.32
N ASN A 176 4.11 -14.47 8.42
CA ASN A 176 4.57 -14.40 7.04
C ASN A 176 3.79 -13.33 6.30
N ILE A 177 4.50 -12.45 5.58
CA ILE A 177 3.85 -11.46 4.73
C ILE A 177 4.21 -11.81 3.30
N PHE A 178 3.23 -12.27 2.54
CA PHE A 178 3.46 -12.59 1.14
C PHE A 178 3.06 -11.39 0.29
N GLY A 179 3.92 -10.38 0.35
CA GLY A 179 3.80 -9.22 -0.50
C GLY A 179 4.57 -9.37 -1.80
N THR A 180 4.71 -8.26 -2.50
CA THR A 180 5.33 -8.25 -3.80
C THR A 180 6.85 -8.21 -3.66
N PRO A 181 7.60 -9.17 -4.22
CA PRO A 181 9.05 -9.21 -4.00
C PRO A 181 9.78 -7.89 -4.20
N GLU A 182 9.44 -7.13 -5.25
CA GLU A 182 10.15 -5.89 -5.54
C GLU A 182 10.07 -4.87 -4.41
N PHE A 183 9.07 -4.98 -3.53
CA PHE A 183 8.79 -3.94 -2.55
C PHE A 183 8.93 -4.36 -1.09
N VAL A 184 9.13 -5.65 -0.82
CA VAL A 184 9.19 -6.12 0.56
C VAL A 184 10.59 -5.93 1.12
N ALA A 185 10.66 -5.68 2.42
CA ALA A 185 11.92 -5.47 3.11
C ALA A 185 12.67 -6.78 3.35
N PRO A 186 13.98 -6.70 3.61
CA PRO A 186 14.73 -7.94 3.88
C PRO A 186 14.15 -8.79 5.00
N GLU A 187 13.60 -8.19 6.05
CA GLU A 187 13.05 -8.99 7.14
C GLU A 187 11.84 -9.81 6.68
N ILE A 188 11.09 -9.32 5.68
CA ILE A 188 10.01 -10.12 5.12
C ILE A 188 10.57 -11.29 4.33
N VAL A 189 11.58 -11.01 3.50
CA VAL A 189 12.23 -12.04 2.70
C VAL A 189 12.80 -13.14 3.59
N ASN A 190 13.34 -12.75 4.75
CA ASN A 190 14.01 -13.68 5.66
C ASN A 190 13.08 -14.24 6.73
N TYR A 191 11.79 -13.93 6.69
CA TYR A 191 10.81 -14.49 7.62
C TYR A 191 11.13 -14.13 9.06
N GLU A 192 11.55 -12.91 9.27
CA GLU A 192 11.92 -12.41 10.59
C GLU A 192 10.77 -11.62 11.19
N PRO A 193 10.82 -11.33 12.49
CA PRO A 193 9.79 -10.49 13.09
C PRO A 193 9.72 -9.15 12.36
N LEU A 194 8.49 -8.63 12.23
CA LEU A 194 8.22 -7.50 11.35
C LEU A 194 7.61 -6.37 12.17
N GLY A 195 8.03 -5.15 11.86
CA GLY A 195 7.41 -4.00 12.48
C GLY A 195 7.16 -2.87 11.50
N LEU A 196 7.01 -1.66 12.04
CA LEU A 196 6.79 -0.48 11.21
C LEU A 196 7.93 -0.22 10.24
N GLU A 197 9.12 -0.71 10.55
CA GLU A 197 10.30 -0.45 9.73
C GLU A 197 10.15 -1.00 8.32
N ALA A 198 9.39 -2.10 8.16
CA ALA A 198 9.23 -2.69 6.84
C ALA A 198 8.59 -1.71 5.87
N ASP A 199 7.65 -0.89 6.36
CA ASP A 199 7.02 0.11 5.50
C ASP A 199 8.02 1.15 5.02
N MET A 200 8.97 1.51 5.88
CA MET A 200 9.94 2.53 5.50
C MET A 200 10.85 2.04 4.38
N TRP A 201 11.22 0.76 4.40
CA TRP A 201 11.95 0.19 3.28
C TRP A 201 11.14 0.32 1.99
N SER A 202 9.85 -0.07 2.04
CA SER A 202 9.01 0.02 0.86
C SER A 202 8.94 1.45 0.32
N ILE A 203 8.87 2.45 1.22
CA ILE A 203 8.88 3.84 0.80
C ILE A 203 10.17 4.17 0.05
N GLY A 204 11.31 3.64 0.52
CA GLY A 204 12.56 3.83 -0.20
C GLY A 204 12.52 3.27 -1.62
N VAL A 205 11.92 2.09 -1.80
CA VAL A 205 11.78 1.51 -3.13
C VAL A 205 10.87 2.37 -4.01
N ILE A 206 9.72 2.77 -3.46
CA ILE A 206 8.81 3.64 -4.19
C ILE A 206 9.51 4.93 -4.62
N THR A 207 10.30 5.53 -3.72
CA THR A 207 10.99 6.77 -4.05
C THR A 207 11.99 6.58 -5.20
N TYR A 208 12.76 5.49 -5.13
CA TYR A 208 13.69 5.15 -6.21
C TYR A 208 12.95 5.08 -7.55
N ILE A 209 11.80 4.41 -7.58
CA ILE A 209 11.05 4.27 -8.83
C ILE A 209 10.49 5.62 -9.29
N LEU A 210 9.95 6.41 -8.34
CA LEU A 210 9.38 7.70 -8.72
C LEU A 210 10.40 8.57 -9.42
N LEU A 211 11.65 8.54 -8.97
CA LEU A 211 12.67 9.41 -9.50
C LEU A 211 13.31 8.90 -10.78
N SER A 212 13.26 7.60 -11.04
CA SER A 212 14.02 7.00 -12.12
C SER A 212 13.20 6.21 -13.13
N GLY A 213 12.01 5.76 -12.78
CA GLY A 213 11.28 4.83 -13.61
C GLY A 213 11.79 3.41 -13.56
N ALA A 214 12.77 3.10 -12.71
CA ALA A 214 13.40 1.79 -12.67
C ALA A 214 13.24 1.21 -11.28
N SER A 215 13.13 -0.13 -11.21
CA SER A 215 12.93 -0.82 -9.94
C SER A 215 14.28 -1.29 -9.38
N PRO A 216 14.62 -0.95 -8.14
CA PRO A 216 16.01 -1.12 -7.69
C PRO A 216 16.47 -2.55 -7.52
N PHE A 217 15.58 -3.49 -7.18
CA PHE A 217 15.96 -4.86 -6.86
C PHE A 217 15.44 -5.87 -7.86
N LEU A 218 14.72 -5.43 -8.89
CA LEU A 218 13.99 -6.35 -9.76
C LEU A 218 14.95 -7.25 -10.51
N GLY A 219 14.76 -8.56 -10.35
CA GLY A 219 15.48 -9.55 -11.13
C GLY A 219 14.63 -10.11 -12.25
N ASP A 220 15.15 -11.15 -12.90
CA ASP A 220 14.40 -11.82 -13.95
C ASP A 220 13.39 -12.82 -13.42
N THR A 221 13.55 -13.23 -12.16
CA THR A 221 12.62 -14.14 -11.51
C THR A 221 12.35 -13.62 -10.11
N LYS A 222 11.28 -14.12 -9.51
CA LYS A 222 10.94 -13.71 -8.14
C LYS A 222 12.06 -14.08 -7.18
N GLN A 223 12.68 -15.25 -7.35
CA GLN A 223 13.76 -15.64 -6.44
C GLN A 223 14.95 -14.71 -6.54
N GLU A 224 15.28 -14.25 -7.75
CA GLU A 224 16.37 -13.27 -7.90
C GLU A 224 16.02 -11.96 -7.21
N THR A 225 14.78 -11.48 -7.39
CA THR A 225 14.38 -10.24 -6.73
C THR A 225 14.53 -10.38 -5.21
N LEU A 226 14.04 -11.49 -4.67
CA LEU A 226 14.09 -11.69 -3.23
C LEU A 226 15.54 -11.79 -2.75
N ALA A 227 16.40 -12.46 -3.51
CA ALA A 227 17.81 -12.54 -3.15
C ALA A 227 18.48 -11.17 -3.21
N ASN A 228 18.13 -10.36 -4.21
CA ASN A 228 18.66 -9.00 -4.31
C ASN A 228 18.23 -8.14 -3.12
N VAL A 229 16.96 -8.25 -2.71
CA VAL A 229 16.49 -7.51 -1.55
C VAL A 229 17.28 -7.89 -0.30
N SER A 230 17.39 -9.20 -0.03
CA SER A 230 18.07 -9.61 1.20
C SER A 230 19.52 -9.15 1.23
N ALA A 231 20.19 -9.13 0.09
CA ALA A 231 21.58 -8.71 -0.01
C ALA A 231 21.75 -7.22 -0.15
N VAL A 232 20.65 -6.45 -0.20
CA VAL A 232 20.67 -5.02 -0.51
C VAL A 232 21.49 -4.75 -1.77
N ASN A 233 21.21 -5.53 -2.80
CA ASN A 233 21.91 -5.44 -4.09
C ASN A 233 21.15 -4.47 -4.97
N TYR A 234 21.44 -3.17 -4.78
CA TYR A 234 20.92 -2.13 -5.66
C TYR A 234 21.98 -1.03 -5.78
N GLU A 235 21.86 -0.24 -6.85
CA GLU A 235 22.73 0.91 -7.03
C GLU A 235 21.98 1.98 -7.81
N PHE A 236 22.50 3.21 -7.76
CA PHE A 236 21.94 4.31 -8.53
C PHE A 236 22.59 4.35 -9.91
N GLU A 237 21.86 3.94 -10.93
CA GLU A 237 22.41 3.96 -12.28
C GLU A 237 22.52 5.39 -12.79
N ASP A 238 23.71 5.78 -13.23
CA ASP A 238 23.94 7.14 -13.69
C ASP A 238 23.00 7.51 -14.83
N GLU A 239 22.72 6.56 -15.73
CA GLU A 239 21.83 6.85 -16.86
C GLU A 239 20.47 7.35 -16.38
N TYR A 240 20.04 6.91 -15.21
CA TYR A 240 18.73 7.28 -14.69
C TYR A 240 18.81 8.37 -13.63
N PHE A 241 19.94 8.53 -12.95
CA PHE A 241 20.04 9.40 -11.78
C PHE A 241 21.00 10.57 -11.98
N SER A 242 21.47 10.82 -13.21
CA SER A 242 22.55 11.78 -13.41
C SER A 242 22.17 13.20 -13.03
N ASN A 243 20.89 13.56 -13.15
CA ASN A 243 20.44 14.88 -12.75
C ASN A 243 19.57 14.84 -11.50
N THR A 244 19.64 13.75 -10.74
CA THR A 244 18.95 13.66 -9.46
C THR A 244 19.88 14.15 -8.36
N SER A 245 19.34 14.90 -7.41
CA SER A 245 20.18 15.51 -6.40
C SER A 245 20.79 14.47 -5.48
N ALA A 246 21.96 14.81 -4.91
CA ALA A 246 22.59 13.91 -3.96
C ALA A 246 21.73 13.73 -2.72
N LEU A 247 20.98 14.75 -2.33
CA LEU A 247 20.13 14.65 -1.15
C LEU A 247 18.99 13.67 -1.36
N ALA A 248 18.45 13.59 -2.58
CA ALA A 248 17.42 12.59 -2.88
C ALA A 248 17.99 11.20 -2.75
N LYS A 249 19.20 10.99 -3.27
CA LYS A 249 19.86 9.68 -3.13
C LYS A 249 20.12 9.37 -1.66
N ASP A 250 20.51 10.38 -0.87
CA ASP A 250 20.74 10.18 0.56
C ASP A 250 19.47 9.70 1.26
N PHE A 251 18.34 10.32 0.93
CA PHE A 251 17.04 9.90 1.48
C PHE A 251 16.78 8.43 1.20
N ILE A 252 16.94 8.01 -0.06
CA ILE A 252 16.76 6.61 -0.41
C ILE A 252 17.75 5.73 0.33
N ARG A 253 19.03 6.14 0.35
CA ARG A 253 20.06 5.30 0.95
C ARG A 253 19.80 5.03 2.42
N ARG A 254 19.16 5.97 3.13
CA ARG A 254 18.87 5.80 4.55
C ARG A 254 17.59 5.01 4.80
N LEU A 255 16.85 4.67 3.75
CA LEU A 255 15.69 3.79 3.86
C LEU A 255 16.00 2.36 3.43
N LEU A 256 16.84 2.20 2.41
CA LEU A 256 17.20 0.87 1.92
C LEU A 256 18.39 0.29 2.71
N VAL A 257 18.12 0.08 4.00
CA VAL A 257 19.10 -0.35 4.99
C VAL A 257 18.62 -1.69 5.53
N LYS A 258 19.49 -2.70 5.50
CA LYS A 258 19.08 -4.05 5.89
C LYS A 258 18.63 -4.12 7.35
N ASP A 259 19.43 -3.59 8.26
CA ASP A 259 19.09 -3.65 9.68
C ASP A 259 17.91 -2.72 9.96
N PRO A 260 16.74 -3.23 10.36
CA PRO A 260 15.58 -2.35 10.56
C PRO A 260 15.84 -1.28 11.60
N LYS A 261 16.70 -1.55 12.59
CA LYS A 261 16.96 -0.58 13.65
C LYS A 261 17.77 0.61 13.18
N LYS A 262 18.52 0.48 12.08
CA LYS A 262 19.31 1.57 11.52
C LYS A 262 18.58 2.34 10.44
N ARG A 263 17.45 1.84 9.98
CA ARG A 263 16.67 2.46 8.93
C ARG A 263 15.96 3.71 9.47
N MET A 264 15.78 4.71 8.61
CA MET A 264 15.00 5.87 9.02
C MET A 264 13.59 5.46 9.41
N THR A 265 13.08 6.05 10.49
CA THR A 265 11.68 5.90 10.84
C THR A 265 10.84 6.90 10.05
N ILE A 266 9.52 6.79 10.20
CA ILE A 266 8.65 7.77 9.52
C ILE A 266 8.96 9.19 10.01
N GLN A 267 9.21 9.37 11.31
CA GLN A 267 9.54 10.71 11.77
C GLN A 267 10.89 11.18 11.22
N ASP A 268 11.87 10.27 11.16
CA ASP A 268 13.15 10.63 10.54
C ASP A 268 12.93 11.10 9.10
N SER A 269 12.07 10.39 8.35
CA SER A 269 11.89 10.73 6.94
C SER A 269 11.28 12.11 6.76
N LEU A 270 10.39 12.51 7.67
CA LEU A 270 9.78 13.83 7.59
C LEU A 270 10.74 14.95 8.01
N GLN A 271 11.76 14.63 8.82
CA GLN A 271 12.77 15.62 9.20
C GLN A 271 13.98 15.62 8.28
N HIS A 272 14.07 14.65 7.38
CA HIS A 272 15.23 14.58 6.49
C HIS A 272 15.29 15.83 5.62
N PRO A 273 16.50 16.35 5.34
CA PRO A 273 16.58 17.65 4.65
C PRO A 273 15.99 17.66 3.25
N TRP A 274 15.83 16.52 2.60
CA TRP A 274 15.18 16.50 1.29
C TRP A 274 13.70 16.80 1.41
N ILE A 275 13.11 16.46 2.55
CA ILE A 275 11.66 16.57 2.78
C ILE A 275 11.31 17.78 3.63
N LYS A 276 12.10 18.06 4.66
CA LYS A 276 11.72 19.07 5.65
C LYS A 276 11.70 20.45 5.01
N PRO A 277 10.63 21.23 5.20
CA PRO A 277 10.54 22.59 4.66
C PRO A 277 11.35 23.59 5.47
#